data_2L5B
#
_entry.id   2L5B
#
_entity_poly.entity_id   1
_entity_poly.type   'polypeptide(L)'
_entity_poly.pdbx_seq_one_letter_code
;APGALPTYWPWLCAAAQVAALAAWLLGRRNL(NH2)
;
_entity_poly.pdbx_strand_id   A
#
# COMPACT_ATOMS: atom_id res chain seq x y z
N ALA A 1 -11.23 6.02 -19.28
CA ALA A 1 -10.25 6.72 -20.16
C ALA A 1 -9.26 5.70 -20.76
N PRO A 2 -9.73 4.87 -21.68
CA PRO A 2 -8.85 3.86 -22.30
C PRO A 2 -7.72 4.56 -23.06
N GLY A 3 -7.13 3.90 -24.02
CA GLY A 3 -6.02 4.52 -24.80
C GLY A 3 -4.77 4.60 -23.94
N ALA A 4 -4.91 4.95 -22.68
CA ALA A 4 -3.72 5.04 -21.79
C ALA A 4 -3.12 3.65 -21.61
N LEU A 5 -2.06 3.55 -20.83
CA LEU A 5 -1.38 2.22 -20.59
C LEU A 5 -1.08 2.09 -19.08
N PRO A 6 -2.10 1.88 -18.26
CA PRO A 6 -1.89 1.74 -16.81
C PRO A 6 -1.02 0.50 -16.53
N THR A 7 -0.05 0.63 -15.66
CA THR A 7 0.84 -0.54 -15.34
C THR A 7 1.60 -0.25 -14.04
N TYR A 8 0.97 0.44 -13.11
CA TYR A 8 1.64 0.78 -11.81
C TYR A 8 0.59 0.81 -10.70
N TRP A 9 -0.54 0.21 -10.93
CA TRP A 9 -1.62 0.20 -9.90
C TRP A 9 -1.30 -0.81 -8.75
N PRO A 10 -0.80 -2.00 -9.07
CA PRO A 10 -0.51 -3.01 -8.03
C PRO A 10 0.42 -2.46 -6.94
N TRP A 11 1.46 -1.73 -7.28
CA TRP A 11 2.36 -1.19 -6.21
C TRP A 11 1.60 -0.09 -5.45
N LEU A 12 0.74 0.62 -6.13
CA LEU A 12 -0.04 1.72 -5.47
C LEU A 12 -1.06 1.11 -4.52
N CYS A 13 -1.85 0.17 -4.98
CA CYS A 13 -2.86 -0.46 -4.08
C CYS A 13 -2.13 -1.03 -2.87
N ALA A 14 -0.98 -1.62 -3.08
CA ALA A 14 -0.20 -2.16 -1.95
C ALA A 14 0.31 -0.99 -1.12
N ALA A 15 0.72 0.07 -1.76
CA ALA A 15 1.24 1.24 -1.02
C ALA A 15 0.15 1.79 -0.09
N ALA A 16 -1.08 1.65 -0.47
CA ALA A 16 -2.21 2.17 0.38
C ALA A 16 -2.38 1.27 1.62
N GLN A 17 -2.55 0.00 1.41
CA GLN A 17 -2.73 -0.92 2.56
C GLN A 17 -1.45 -0.97 3.40
N VAL A 18 -0.32 -1.10 2.74
CA VAL A 18 0.97 -1.13 3.48
C VAL A 18 1.08 0.12 4.36
N ALA A 19 0.47 1.20 3.94
CA ALA A 19 0.52 2.46 4.74
C ALA A 19 -0.38 2.29 5.97
N ALA A 20 -1.50 1.61 5.82
CA ALA A 20 -2.42 1.41 6.97
C ALA A 20 -1.83 0.38 7.93
N LEU A 21 -1.44 -0.76 7.42
CA LEU A 21 -0.85 -1.81 8.29
C LEU A 21 0.43 -1.28 8.93
N ALA A 22 1.34 -0.75 8.15
CA ALA A 22 2.60 -0.21 8.71
C ALA A 22 2.29 0.83 9.81
N ALA A 23 1.22 1.56 9.66
CA ALA A 23 0.87 2.58 10.69
C ALA A 23 0.50 1.89 12.01
N TRP A 24 -0.36 0.91 11.95
CA TRP A 24 -0.76 0.19 13.18
C TRP A 24 0.43 -0.61 13.70
N LEU A 25 0.99 -1.42 12.87
CA LEU A 25 2.16 -2.26 13.25
C LEU A 25 3.25 -1.38 13.85
N LEU A 26 3.38 -0.16 13.38
CA LEU A 26 4.43 0.74 13.95
C LEU A 26 4.17 0.92 15.45
N GLY A 27 2.94 0.74 15.86
CA GLY A 27 2.62 0.90 17.30
C GLY A 27 3.33 -0.19 18.11
N ARG A 28 3.38 -1.38 17.58
CA ARG A 28 4.06 -2.49 18.31
C ARG A 28 5.57 -2.22 18.34
N ARG A 29 6.32 -3.04 17.65
CA ARG A 29 7.80 -2.88 17.62
C ARG A 29 8.34 -2.95 19.05
N ASN A 30 7.80 -3.83 19.84
CA ASN A 30 8.25 -3.98 21.27
C ASN A 30 8.20 -5.46 21.65
N LEU A 31 8.10 -6.33 20.68
CA LEU A 31 8.05 -7.79 20.99
C LEU A 31 9.42 -8.27 21.48
N ALA A 1 -12.14 12.96 -23.66
CA ALA A 1 -12.24 11.56 -23.17
C ALA A 1 -11.20 11.36 -22.05
N PRO A 2 -11.45 10.48 -21.08
CA PRO A 2 -10.48 10.25 -20.00
C PRO A 2 -9.13 9.84 -20.59
N GLY A 3 -9.11 8.82 -21.41
CA GLY A 3 -7.83 8.36 -22.02
C GLY A 3 -6.85 7.99 -20.92
N ALA A 4 -7.34 7.58 -19.78
CA ALA A 4 -6.43 7.19 -18.67
C ALA A 4 -5.67 5.92 -19.04
N LEU A 5 -4.46 5.77 -18.54
CA LEU A 5 -3.63 4.56 -18.85
C LEU A 5 -2.98 4.05 -17.54
N PRO A 6 -3.77 3.45 -16.66
CA PRO A 6 -3.23 2.95 -15.38
C PRO A 6 -2.19 1.85 -15.66
N THR A 7 -0.96 2.08 -15.26
CA THR A 7 0.13 1.06 -15.48
C THR A 7 1.03 1.02 -14.24
N TYR A 8 0.53 1.50 -13.12
CA TYR A 8 1.34 1.49 -11.87
C TYR A 8 0.37 1.53 -10.67
N TRP A 9 -0.81 1.02 -10.85
CA TRP A 9 -1.82 1.02 -9.74
C TRP A 9 -1.54 -0.15 -8.74
N PRO A 10 -1.22 -1.33 -9.22
CA PRO A 10 -0.99 -2.48 -8.31
C PRO A 10 0.02 -2.13 -7.20
N TRP A 11 1.11 -1.47 -7.52
CA TRP A 11 2.09 -1.12 -6.44
C TRP A 11 1.46 -0.04 -5.55
N LEU A 12 0.71 0.86 -6.14
CA LEU A 12 0.06 1.94 -5.36
C LEU A 12 -1.01 1.35 -4.45
N CYS A 13 -1.90 0.55 -5.01
CA CYS A 13 -2.96 -0.08 -4.17
C CYS A 13 -2.29 -0.79 -3.00
N ALA A 14 -1.20 -1.46 -3.26
CA ALA A 14 -0.47 -2.16 -2.17
C ALA A 14 0.14 -1.09 -1.24
N ALA A 15 0.63 -0.02 -1.81
CA ALA A 15 1.24 1.05 -0.98
C ALA A 15 0.18 1.61 -0.02
N ALA A 16 -1.06 1.57 -0.41
CA ALA A 16 -2.15 2.12 0.46
C ALA A 16 -2.35 1.21 1.67
N GLN A 17 -2.59 -0.06 1.44
CA GLN A 17 -2.80 -0.99 2.59
C GLN A 17 -1.48 -1.14 3.35
N VAL A 18 -0.40 -1.33 2.66
CA VAL A 18 0.92 -1.47 3.34
C VAL A 18 1.14 -0.25 4.25
N ALA A 19 0.59 0.88 3.88
CA ALA A 19 0.74 2.09 4.73
C ALA A 19 -0.13 1.94 5.97
N ALA A 20 -1.29 1.35 5.84
CA ALA A 20 -2.18 1.17 7.01
C ALA A 20 -1.60 0.09 7.93
N LEU A 21 -1.28 -1.05 7.38
CA LEU A 21 -0.70 -2.15 8.22
C LEU A 21 0.61 -1.66 8.83
N ALA A 22 1.51 -1.15 8.02
CA ALA A 22 2.80 -0.65 8.55
C ALA A 22 2.56 0.41 9.62
N ALA A 23 1.51 1.19 9.47
CA ALA A 23 1.22 2.26 10.49
C ALA A 23 0.82 1.61 11.81
N TRP A 24 -0.11 0.69 11.78
CA TRP A 24 -0.54 0.01 13.03
C TRP A 24 0.62 -0.80 13.58
N LEU A 25 1.18 -1.64 12.76
CA LEU A 25 2.33 -2.49 13.17
C LEU A 25 3.44 -1.61 13.74
N LEU A 26 3.63 -0.43 13.19
CA LEU A 26 4.69 0.47 13.72
C LEU A 26 4.38 0.79 15.18
N GLY A 27 3.13 0.69 15.56
CA GLY A 27 2.75 0.98 16.97
C GLY A 27 3.39 -0.06 17.89
N ARG A 28 3.40 -1.30 17.48
CA ARG A 28 4.01 -2.36 18.32
C ARG A 28 5.52 -2.11 18.46
N ARG A 29 6.30 -2.97 17.89
CA ARG A 29 7.78 -2.82 17.98
C ARG A 29 8.20 -2.79 19.45
N ASN A 30 7.57 -3.61 20.26
CA ASN A 30 7.91 -3.65 21.72
C ASN A 30 7.78 -5.10 22.22
N LEU A 31 7.75 -6.04 21.31
CA LEU A 31 7.63 -7.47 21.72
C LEU A 31 8.93 -7.92 22.39
N ALA A 1 2.32 7.43 -23.66
CA ALA A 1 1.68 7.44 -22.31
C ALA A 1 0.21 7.87 -22.44
N PRO A 2 -0.63 7.03 -23.03
CA PRO A 2 -2.06 7.37 -23.20
C PRO A 2 -2.72 7.53 -21.82
N GLY A 3 -2.24 6.82 -20.84
CA GLY A 3 -2.84 6.93 -19.48
C GLY A 3 -4.31 6.50 -19.53
N ALA A 4 -4.72 5.86 -20.58
CA ALA A 4 -6.14 5.42 -20.68
C ALA A 4 -6.43 4.41 -19.57
N LEU A 5 -5.98 3.19 -19.70
CA LEU A 5 -6.24 2.16 -18.65
C LEU A 5 -5.14 2.29 -17.57
N PRO A 6 -5.45 2.01 -16.30
CA PRO A 6 -4.42 2.11 -15.24
C PRO A 6 -3.27 1.15 -15.55
N THR A 7 -2.24 1.16 -14.74
CA THR A 7 -1.08 0.26 -14.98
C THR A 7 -0.19 0.23 -13.72
N TYR A 8 0.04 1.37 -13.12
CA TYR A 8 0.89 1.45 -11.89
C TYR A 8 -0.01 1.40 -10.66
N TRP A 9 -1.22 0.95 -10.82
CA TRP A 9 -2.17 0.88 -9.67
C TRP A 9 -1.76 -0.25 -8.67
N PRO A 10 -1.42 -1.43 -9.16
CA PRO A 10 -1.07 -2.56 -8.27
C PRO A 10 -0.03 -2.15 -7.20
N TRP A 11 1.02 -1.46 -7.57
CA TRP A 11 2.03 -1.08 -6.53
C TRP A 11 1.40 -0.01 -5.62
N LEU A 12 0.59 0.85 -6.19
CA LEU A 12 -0.07 1.92 -5.39
C LEU A 12 -1.08 1.30 -4.43
N CYS A 13 -1.95 0.45 -4.93
CA CYS A 13 -2.95 -0.21 -4.04
C CYS A 13 -2.20 -0.88 -2.89
N ALA A 14 -1.11 -1.52 -3.20
CA ALA A 14 -0.30 -2.16 -2.14
C ALA A 14 0.29 -1.06 -1.25
N ALA A 15 0.72 0.01 -1.85
CA ALA A 15 1.31 1.12 -1.05
C ALA A 15 0.26 1.66 -0.07
N ALA A 16 -0.99 1.56 -0.42
CA ALA A 16 -2.07 2.07 0.48
C ALA A 16 -2.23 1.13 1.67
N GLN A 17 -2.44 -0.14 1.44
CA GLN A 17 -2.60 -1.09 2.57
C GLN A 17 -1.29 -1.18 3.34
N VAL A 18 -0.19 -1.31 2.64
CA VAL A 18 1.13 -1.38 3.33
C VAL A 18 1.28 -0.16 4.24
N ALA A 19 0.68 0.93 3.88
CA ALA A 19 0.78 2.15 4.74
C ALA A 19 -0.08 1.94 5.99
N ALA A 20 -1.21 1.30 5.85
CA ALA A 20 -2.10 1.07 7.04
C ALA A 20 -1.46 0.00 7.93
N LEU A 21 -1.10 -1.12 7.37
CA LEU A 21 -0.48 -2.19 8.19
C LEU A 21 0.81 -1.66 8.81
N ALA A 22 1.67 -1.09 8.01
CA ALA A 22 2.94 -0.54 8.56
C ALA A 22 2.63 0.52 9.64
N ALA A 23 1.58 1.28 9.46
CA ALA A 23 1.23 2.33 10.46
C ALA A 23 0.79 1.67 11.77
N TRP A 24 -0.14 0.75 11.69
CA TRP A 24 -0.61 0.07 12.93
C TRP A 24 0.54 -0.72 13.54
N LEU A 25 1.14 -1.55 12.74
CA LEU A 25 2.29 -2.38 13.20
C LEU A 25 3.37 -1.48 13.81
N LEU A 26 3.57 -0.31 13.27
CA LEU A 26 4.59 0.61 13.84
C LEU A 26 4.22 0.92 15.29
N GLY A 27 2.96 0.80 15.61
CA GLY A 27 2.53 1.09 17.01
C GLY A 27 3.17 0.06 17.94
N ARG A 28 3.26 -1.17 17.52
CA ARG A 28 3.86 -2.22 18.38
C ARG A 28 5.37 -1.97 18.51
N ARG A 29 6.16 -2.89 18.03
CA ARG A 29 7.65 -2.77 18.10
C ARG A 29 8.08 -2.80 19.57
N ASN A 30 7.48 -3.68 20.33
CA ASN A 30 7.83 -3.80 21.79
C ASN A 30 7.80 -5.29 22.17
N LEU A 31 7.81 -6.16 21.20
CA LEU A 31 7.77 -7.62 21.51
C LEU A 31 9.14 -8.04 22.08
N ALA A 1 -10.17 -7.28 -27.47
CA ALA A 1 -8.90 -6.54 -27.75
C ALA A 1 -8.56 -5.65 -26.55
N PRO A 2 -8.16 -6.24 -25.44
CA PRO A 2 -7.81 -5.45 -24.24
C PRO A 2 -6.61 -4.54 -24.55
N GLY A 3 -5.89 -4.13 -23.55
CA GLY A 3 -4.72 -3.25 -23.78
C GLY A 3 -3.98 -3.01 -22.46
N ALA A 4 -4.70 -2.69 -21.42
CA ALA A 4 -4.06 -2.44 -20.10
C ALA A 4 -2.95 -1.39 -20.25
N LEU A 5 -3.32 -0.15 -20.43
CA LEU A 5 -2.29 0.92 -20.58
C LEU A 5 -1.50 1.11 -19.26
N PRO A 6 -2.17 1.13 -18.11
CA PRO A 6 -1.46 1.32 -16.83
C PRO A 6 -0.56 0.10 -16.54
N THR A 7 0.38 0.25 -15.65
CA THR A 7 1.29 -0.90 -15.32
C THR A 7 2.02 -0.60 -14.00
N TYR A 8 1.39 0.11 -13.11
CA TYR A 8 2.06 0.44 -11.80
C TYR A 8 0.99 0.59 -10.71
N TRP A 9 -0.18 0.06 -10.93
CA TRP A 9 -1.28 0.16 -9.93
C TRP A 9 -1.06 -0.86 -8.77
N PRO A 10 -0.68 -2.09 -9.09
CA PRO A 10 -0.50 -3.12 -8.03
C PRO A 10 0.42 -2.62 -6.91
N TRP A 11 1.52 -1.97 -7.22
CA TRP A 11 2.41 -1.49 -6.11
C TRP A 11 1.70 -0.33 -5.40
N LEU A 12 0.95 0.45 -6.13
CA LEU A 12 0.22 1.61 -5.52
C LEU A 12 -0.90 1.09 -4.62
N CYS A 13 -1.72 0.20 -5.12
CA CYS A 13 -2.82 -0.35 -4.27
C CYS A 13 -2.20 -0.94 -3.01
N ALA A 14 -1.09 -1.61 -3.15
CA ALA A 14 -0.42 -2.19 -1.97
C ALA A 14 0.15 -1.04 -1.13
N ALA A 15 0.65 -0.02 -1.77
CA ALA A 15 1.20 1.14 -1.02
C ALA A 15 0.13 1.74 -0.13
N ALA A 16 -1.11 1.62 -0.52
CA ALA A 16 -2.23 2.20 0.29
C ALA A 16 -2.45 1.35 1.56
N GLN A 17 -2.66 0.07 1.40
CA GLN A 17 -2.88 -0.79 2.60
C GLN A 17 -1.60 -0.86 3.42
N VAL A 18 -0.48 -1.06 2.76
CA VAL A 18 0.81 -1.13 3.49
C VAL A 18 0.98 0.14 4.33
N ALA A 19 0.41 1.24 3.89
CA ALA A 19 0.51 2.50 4.68
C ALA A 19 -0.39 2.38 5.92
N ALA A 20 -1.52 1.72 5.79
CA ALA A 20 -2.44 1.58 6.96
C ALA A 20 -1.87 0.55 7.93
N LEU A 21 -1.52 -0.62 7.45
CA LEU A 21 -0.96 -1.66 8.35
C LEU A 21 0.33 -1.14 8.99
N ALA A 22 1.24 -0.65 8.19
CA ALA A 22 2.51 -0.12 8.75
C ALA A 22 2.23 0.90 9.86
N ALA A 23 1.15 1.63 9.75
CA ALA A 23 0.82 2.63 10.80
C ALA A 23 0.46 1.92 12.10
N TRP A 24 -0.40 0.94 12.03
CA TRP A 24 -0.80 0.20 13.26
C TRP A 24 0.41 -0.58 13.77
N LEU A 25 1.01 -1.35 12.92
CA LEU A 25 2.19 -2.16 13.29
C LEU A 25 3.27 -1.27 13.93
N LEU A 26 3.31 -0.02 13.55
CA LEU A 26 4.32 0.89 14.15
C LEU A 26 4.09 0.96 15.66
N GLY A 27 2.88 0.69 16.09
CA GLY A 27 2.60 0.74 17.56
C GLY A 27 3.36 -0.37 18.27
N ARG A 28 3.37 -1.56 17.72
CA ARG A 28 4.10 -2.68 18.36
C ARG A 28 5.59 -2.34 18.43
N ARG A 29 6.39 -3.05 17.69
CA ARG A 29 7.86 -2.81 17.70
C ARG A 29 8.39 -2.97 19.13
N ASN A 30 7.88 -3.94 19.84
CA ASN A 30 8.33 -4.17 21.26
C ASN A 30 8.32 -5.68 21.54
N LEU A 31 8.07 -6.47 20.53
CA LEU A 31 8.05 -7.95 20.73
C LEU A 31 9.49 -8.44 20.96
N ALA A 1 -12.28 -0.80 -15.42
CA ALA A 1 -11.15 0.08 -15.84
C ALA A 1 -11.37 1.51 -15.29
N PRO A 2 -11.21 1.67 -13.98
CA PRO A 2 -11.40 3.00 -13.36
C PRO A 2 -10.29 3.96 -13.83
N GLY A 3 -9.49 3.55 -14.79
CA GLY A 3 -8.40 4.44 -15.29
C GLY A 3 -7.90 3.92 -16.63
N ALA A 4 -8.78 3.73 -17.57
CA ALA A 4 -8.38 3.23 -18.93
C ALA A 4 -7.56 1.93 -18.79
N LEU A 5 -6.28 2.03 -18.52
CA LEU A 5 -5.41 0.80 -18.38
C LEU A 5 -4.54 0.95 -17.11
N PRO A 6 -5.12 0.79 -15.93
CA PRO A 6 -4.36 0.92 -14.67
C PRO A 6 -3.24 -0.14 -14.63
N THR A 7 -2.02 0.26 -14.88
CA THR A 7 -0.86 -0.70 -14.87
C THR A 7 0.00 -0.47 -13.62
N TYR A 8 0.03 0.73 -13.11
CA TYR A 8 0.85 1.04 -11.89
C TYR A 8 -0.04 0.98 -10.65
N TRP A 9 -1.22 0.47 -10.79
CA TRP A 9 -2.15 0.38 -9.63
C TRP A 9 -1.68 -0.69 -8.61
N PRO A 10 -1.26 -1.86 -9.06
CA PRO A 10 -0.84 -2.93 -8.13
C PRO A 10 0.19 -2.43 -7.11
N TRP A 11 1.19 -1.70 -7.50
CA TRP A 11 2.18 -1.21 -6.48
C TRP A 11 1.50 -0.13 -5.61
N LEU A 12 0.66 0.68 -6.21
CA LEU A 12 -0.04 1.75 -5.45
C LEU A 12 -1.03 1.11 -4.47
N CYS A 13 -1.86 0.23 -4.95
CA CYS A 13 -2.85 -0.45 -4.04
C CYS A 13 -2.08 -1.04 -2.86
N ALA A 14 -0.96 -1.65 -3.14
CA ALA A 14 -0.14 -2.22 -2.04
C ALA A 14 0.39 -1.06 -1.19
N ALA A 15 0.81 0.00 -1.83
CA ALA A 15 1.34 1.17 -1.08
C ALA A 15 0.25 1.71 -0.13
N ALA A 16 -0.98 1.56 -0.51
CA ALA A 16 -2.10 2.06 0.35
C ALA A 16 -2.26 1.18 1.60
N GLN A 17 -2.42 -0.10 1.42
CA GLN A 17 -2.59 -1.00 2.60
C GLN A 17 -1.27 -1.04 3.38
N VAL A 18 -0.17 -1.17 2.70
CA VAL A 18 1.15 -1.20 3.40
C VAL A 18 1.27 0.05 4.27
N ALA A 19 0.66 1.14 3.86
CA ALA A 19 0.72 2.38 4.68
C ALA A 19 -0.16 2.22 5.92
N ALA A 20 -1.29 1.57 5.80
CA ALA A 20 -2.17 1.38 6.99
C ALA A 20 -1.56 0.33 7.92
N LEU A 21 -1.20 -0.81 7.39
CA LEU A 21 -0.60 -1.88 8.22
C LEU A 21 0.69 -1.33 8.86
N ALA A 22 1.56 -0.77 8.07
CA ALA A 22 2.83 -0.22 8.63
C ALA A 22 2.52 0.83 9.71
N ALA A 23 1.46 1.59 9.53
CA ALA A 23 1.11 2.63 10.55
C ALA A 23 0.65 1.96 11.84
N TRP A 24 -0.30 1.07 11.76
CA TRP A 24 -0.79 0.39 12.99
C TRP A 24 0.36 -0.41 13.60
N LEU A 25 0.99 -1.22 12.79
CA LEU A 25 2.12 -2.05 13.27
C LEU A 25 3.17 -1.17 13.95
N LEU A 26 3.28 0.07 13.54
CA LEU A 26 4.28 0.98 14.18
C LEU A 26 3.98 1.08 15.68
N GLY A 27 2.75 0.82 16.05
CA GLY A 27 2.38 0.88 17.50
C GLY A 27 3.09 -0.25 18.25
N ARG A 28 3.12 -1.42 17.68
CA ARG A 28 3.79 -2.56 18.36
C ARG A 28 5.28 -2.26 18.51
N ARG A 29 6.10 -3.05 17.89
CA ARG A 29 7.58 -2.87 17.97
C ARG A 29 8.03 -3.08 19.41
N ASN A 30 7.43 -4.02 20.08
CA ASN A 30 7.79 -4.34 21.50
C ASN A 30 7.97 -5.85 21.63
N LEU A 31 8.32 -6.50 20.56
CA LEU A 31 8.52 -7.98 20.60
C LEU A 31 9.82 -8.31 21.34
N ALA A 1 -12.85 6.74 -18.70
CA ALA A 1 -11.89 6.34 -19.78
C ALA A 1 -10.83 5.37 -19.20
N PRO A 2 -11.23 4.16 -18.86
CA PRO A 2 -10.29 3.18 -18.30
C PRO A 2 -9.21 2.85 -19.35
N GLY A 3 -9.28 3.45 -20.51
CA GLY A 3 -8.28 3.18 -21.57
C GLY A 3 -6.96 3.88 -21.22
N ALA A 4 -6.74 4.19 -19.97
CA ALA A 4 -5.48 4.87 -19.57
C ALA A 4 -4.33 3.86 -19.55
N LEU A 5 -4.65 2.59 -19.54
CA LEU A 5 -3.57 1.55 -19.52
C LEU A 5 -2.62 1.80 -18.32
N PRO A 6 -3.12 1.62 -17.11
CA PRO A 6 -2.27 1.84 -15.91
C PRO A 6 -1.10 0.84 -15.92
N THR A 7 -0.24 0.91 -14.94
CA THR A 7 0.92 -0.02 -14.87
C THR A 7 1.54 0.00 -13.47
N TYR A 8 1.67 1.17 -12.89
CA TYR A 8 2.28 1.30 -11.52
C TYR A 8 1.16 1.33 -10.48
N TRP A 9 -0.02 0.93 -10.85
CA TRP A 9 -1.17 0.94 -9.89
C TRP A 9 -1.01 -0.17 -8.82
N PRO A 10 -0.63 -1.38 -9.22
CA PRO A 10 -0.52 -2.50 -8.26
C PRO A 10 0.38 -2.15 -7.06
N TRP A 11 1.51 -1.51 -7.26
CA TRP A 11 2.38 -1.16 -6.10
C TRP A 11 1.68 -0.05 -5.30
N LEU A 12 1.00 0.84 -5.98
CA LEU A 12 0.31 1.96 -5.28
C LEU A 12 -0.87 1.42 -4.47
N CYS A 13 -1.71 0.63 -5.07
CA CYS A 13 -2.88 0.07 -4.32
C CYS A 13 -2.33 -0.67 -3.09
N ALA A 14 -1.28 -1.42 -3.28
CA ALA A 14 -0.67 -2.15 -2.13
C ALA A 14 -0.08 -1.12 -1.18
N ALA A 15 0.51 -0.07 -1.69
CA ALA A 15 1.11 0.96 -0.82
C ALA A 15 0.03 1.55 0.10
N ALA A 16 -1.19 1.57 -0.37
CA ALA A 16 -2.30 2.14 0.45
C ALA A 16 -2.59 1.24 1.65
N GLN A 17 -2.85 -0.03 1.42
CA GLN A 17 -3.15 -0.94 2.56
C GLN A 17 -1.87 -1.17 3.36
N VAL A 18 -0.78 -1.42 2.70
CA VAL A 18 0.51 -1.64 3.41
C VAL A 18 0.77 -0.45 4.33
N ALA A 19 0.32 0.72 3.95
CA ALA A 19 0.53 1.92 4.81
C ALA A 19 -0.38 1.82 6.03
N ALA A 20 -1.55 1.26 5.87
CA ALA A 20 -2.48 1.14 7.04
C ALA A 20 -1.93 0.10 8.01
N LEU A 21 -1.60 -1.07 7.54
CA LEU A 21 -1.06 -2.13 8.44
C LEU A 21 0.30 -1.69 8.99
N ALA A 22 1.20 -1.29 8.12
CA ALA A 22 2.54 -0.86 8.57
C ALA A 22 2.41 0.27 9.60
N ALA A 23 1.41 1.12 9.45
CA ALA A 23 1.24 2.23 10.42
C ALA A 23 0.88 1.67 11.80
N TRP A 24 -0.13 0.84 11.85
CA TRP A 24 -0.54 0.24 13.15
C TRP A 24 0.60 -0.61 13.69
N LEU A 25 1.06 -1.53 12.90
CA LEU A 25 2.18 -2.42 13.31
C LEU A 25 3.37 -1.58 13.78
N LEU A 26 3.63 -0.48 13.13
CA LEU A 26 4.77 0.38 13.54
C LEU A 26 4.54 0.83 14.99
N GLY A 27 3.31 0.86 15.42
CA GLY A 27 3.02 1.28 16.82
C GLY A 27 3.63 0.28 17.80
N ARG A 28 3.65 -0.98 17.44
CA ARG A 28 4.23 -2.01 18.34
C ARG A 28 5.76 -1.91 18.35
N ARG A 29 6.41 -2.94 17.88
CA ARG A 29 7.91 -2.99 17.85
C ARG A 29 8.42 -2.94 19.29
N ASN A 30 7.83 -3.73 20.16
CA ASN A 30 8.28 -3.79 21.59
C ASN A 30 8.06 -5.20 22.13
N LEU A 31 7.67 -6.11 21.27
CA LEU A 31 7.43 -7.51 21.71
C LEU A 31 8.78 -8.18 22.00
N ALA A 1 -9.95 0.01 -17.05
CA ALA A 1 -9.21 1.16 -16.47
C ALA A 1 -8.82 2.14 -17.60
N PRO A 2 -9.79 2.83 -18.15
CA PRO A 2 -9.52 3.80 -19.24
C PRO A 2 -8.56 4.89 -18.74
N GLY A 3 -8.61 6.06 -19.31
CA GLY A 3 -7.69 7.17 -18.87
C GLY A 3 -6.43 7.16 -19.72
N ALA A 4 -5.59 6.18 -19.54
CA ALA A 4 -4.34 6.11 -20.35
C ALA A 4 -3.65 4.76 -20.13
N LEU A 5 -4.41 3.73 -19.82
CA LEU A 5 -3.81 2.38 -19.59
C LEU A 5 -2.67 2.50 -18.55
N PRO A 6 -3.03 2.76 -17.29
CA PRO A 6 -2.02 2.90 -16.22
C PRO A 6 -1.21 1.59 -16.10
N THR A 7 -0.06 1.66 -15.46
CA THR A 7 0.78 0.42 -15.30
C THR A 7 1.55 0.52 -13.98
N TYR A 8 1.02 1.26 -13.03
CA TYR A 8 1.70 1.42 -11.69
C TYR A 8 0.63 1.39 -10.59
N TRP A 9 -0.52 0.88 -10.89
CA TRP A 9 -1.62 0.81 -9.89
C TRP A 9 -1.35 -0.30 -8.82
N PRO A 10 -0.90 -1.47 -9.24
CA PRO A 10 -0.66 -2.58 -8.29
C PRO A 10 0.27 -2.16 -7.13
N TRP A 11 1.34 -1.45 -7.39
CA TRP A 11 2.24 -1.05 -6.27
C TRP A 11 1.51 0.01 -5.43
N LEU A 12 0.71 0.83 -6.06
CA LEU A 12 -0.03 1.89 -5.33
C LEU A 12 -1.09 1.25 -4.45
N CYS A 13 -1.90 0.38 -5.00
CA CYS A 13 -2.95 -0.30 -4.18
C CYS A 13 -2.27 -0.97 -2.99
N ALA A 14 -1.15 -1.62 -3.24
CA ALA A 14 -0.41 -2.28 -2.13
C ALA A 14 0.12 -1.19 -1.20
N ALA A 15 0.56 -0.09 -1.75
CA ALA A 15 1.09 1.01 -0.91
C ALA A 15 0.00 1.51 0.04
N ALA A 16 -1.24 1.41 -0.36
CA ALA A 16 -2.35 1.89 0.49
C ALA A 16 -2.50 0.98 1.72
N GLN A 17 -2.65 -0.30 1.51
CA GLN A 17 -2.80 -1.23 2.67
C GLN A 17 -1.48 -1.31 3.42
N VAL A 18 -0.39 -1.46 2.71
CA VAL A 18 0.95 -1.53 3.38
C VAL A 18 1.11 -0.28 4.26
N ALA A 19 0.54 0.83 3.86
CA ALA A 19 0.64 2.07 4.68
C ALA A 19 -0.23 1.91 5.93
N ALA A 20 -1.35 1.25 5.80
CA ALA A 20 -2.24 1.05 6.98
C ALA A 20 -1.60 0.07 7.96
N LEU A 21 -1.19 -1.08 7.48
CA LEU A 21 -0.57 -2.08 8.39
C LEU A 21 0.76 -1.54 8.90
N ALA A 22 1.55 -0.94 8.05
CA ALA A 22 2.86 -0.40 8.51
C ALA A 22 2.63 0.71 9.56
N ALA A 23 1.59 1.48 9.40
CA ALA A 23 1.32 2.58 10.39
C ALA A 23 0.87 1.98 11.73
N TRP A 24 -0.13 1.14 11.71
CA TRP A 24 -0.61 0.52 12.97
C TRP A 24 0.53 -0.29 13.57
N LEU A 25 1.12 -1.12 12.77
CA LEU A 25 2.24 -1.98 13.22
C LEU A 25 3.32 -1.10 13.87
N LEU A 26 3.43 0.13 13.45
CA LEU A 26 4.45 1.04 14.04
C LEU A 26 4.14 1.18 15.55
N GLY A 27 2.91 0.99 15.92
CA GLY A 27 2.54 1.11 17.37
C GLY A 27 3.25 0.01 18.16
N ARG A 28 3.26 -1.19 17.64
CA ARG A 28 3.93 -2.31 18.38
C ARG A 28 5.43 -2.05 18.45
N ARG A 29 6.21 -2.93 17.89
CA ARG A 29 7.69 -2.79 17.92
C ARG A 29 8.18 -2.90 19.37
N ASN A 30 7.59 -3.81 20.11
CA ASN A 30 8.00 -4.02 21.55
C ASN A 30 8.00 -5.52 21.85
N LEU A 31 8.01 -6.34 20.82
CA LEU A 31 8.02 -7.81 21.04
C LEU A 31 9.41 -8.25 21.53
N ALA A 1 -4.18 9.03 -11.51
CA ALA A 1 -4.66 9.45 -12.85
C ALA A 1 -5.27 8.24 -13.58
N PRO A 2 -6.41 7.75 -13.13
CA PRO A 2 -7.06 6.59 -13.76
C PRO A 2 -7.44 6.93 -15.22
N GLY A 3 -8.37 6.23 -15.78
CA GLY A 3 -8.78 6.51 -17.18
C GLY A 3 -9.67 5.37 -17.70
N ALA A 4 -9.10 4.20 -17.85
CA ALA A 4 -9.90 3.05 -18.36
C ALA A 4 -9.07 1.77 -18.22
N LEU A 5 -7.81 1.82 -18.58
CA LEU A 5 -6.91 0.62 -18.49
C LEU A 5 -5.55 1.05 -17.90
N PRO A 6 -5.51 1.39 -16.62
CA PRO A 6 -4.25 1.82 -15.98
C PRO A 6 -3.24 0.66 -16.02
N THR A 7 -2.09 0.85 -15.42
CA THR A 7 -1.05 -0.24 -15.41
C THR A 7 -0.08 0.02 -14.26
N TYR A 8 -0.55 0.62 -13.19
CA TYR A 8 0.34 0.91 -12.01
C TYR A 8 -0.50 0.90 -10.73
N TRP A 9 -1.64 0.27 -10.77
CA TRP A 9 -2.52 0.20 -9.57
C TRP A 9 -1.97 -0.82 -8.53
N PRO A 10 -1.52 -1.98 -8.96
CA PRO A 10 -1.03 -3.01 -8.01
C PRO A 10 0.03 -2.43 -7.05
N TRP A 11 0.98 -1.67 -7.54
CA TRP A 11 2.00 -1.12 -6.60
C TRP A 11 1.32 -0.05 -5.71
N LEU A 12 0.36 0.65 -6.27
CA LEU A 12 -0.35 1.72 -5.49
C LEU A 12 -1.24 1.06 -4.43
N CYS A 13 -2.05 0.11 -4.81
CA CYS A 13 -2.93 -0.57 -3.80
C CYS A 13 -2.04 -1.10 -2.68
N ALA A 14 -0.90 -1.64 -3.03
CA ALA A 14 0.03 -2.14 -2.00
C ALA A 14 0.60 -0.95 -1.24
N ALA A 15 0.93 0.10 -1.93
CA ALA A 15 1.50 1.30 -1.26
C ALA A 15 0.50 1.83 -0.21
N ALA A 16 -0.76 1.78 -0.51
CA ALA A 16 -1.79 2.27 0.45
C ALA A 16 -1.93 1.29 1.61
N GLN A 17 -2.19 0.04 1.32
CA GLN A 17 -2.34 -0.97 2.41
C GLN A 17 -1.04 -1.04 3.22
N VAL A 18 0.08 -0.86 2.59
CA VAL A 18 1.37 -0.89 3.32
C VAL A 18 1.40 0.33 4.26
N ALA A 19 0.77 1.39 3.88
CA ALA A 19 0.74 2.61 4.75
C ALA A 19 -0.19 2.33 5.95
N ALA A 20 -1.27 1.62 5.73
CA ALA A 20 -2.22 1.33 6.84
C ALA A 20 -1.60 0.27 7.77
N LEU A 21 -1.13 -0.82 7.22
CA LEU A 21 -0.52 -1.88 8.07
C LEU A 21 0.72 -1.32 8.76
N ALA A 22 1.57 -0.65 8.03
CA ALA A 22 2.81 -0.09 8.65
C ALA A 22 2.43 0.86 9.79
N ALA A 23 1.31 1.52 9.70
CA ALA A 23 0.89 2.46 10.77
C ALA A 23 0.53 1.65 12.03
N TRP A 24 -0.34 0.69 11.90
CA TRP A 24 -0.73 -0.13 13.07
C TRP A 24 0.51 -0.85 13.59
N LEU A 25 1.21 -1.49 12.70
CA LEU A 25 2.45 -2.22 13.05
C LEU A 25 3.40 -1.27 13.80
N LEU A 26 3.58 -0.08 13.29
CA LEU A 26 4.47 0.89 13.96
C LEU A 26 4.03 1.07 15.42
N GLY A 27 2.79 0.77 15.70
CA GLY A 27 2.29 0.90 17.10
C GLY A 27 2.93 -0.18 17.97
N ARG A 28 3.24 -1.31 17.40
CA ARG A 28 3.87 -2.41 18.20
C ARG A 28 5.31 -2.01 18.58
N ARG A 29 6.27 -2.68 18.01
CA ARG A 29 7.71 -2.42 18.32
C ARG A 29 7.95 -2.72 19.80
N ASN A 30 7.53 -3.89 20.25
CA ASN A 30 7.73 -4.29 21.68
C ASN A 30 7.92 -5.81 21.72
N LEU A 31 8.35 -6.39 20.64
CA LEU A 31 8.56 -7.87 20.59
C LEU A 31 9.82 -8.22 21.40
N ALA A 1 -10.66 6.17 -21.33
CA ALA A 1 -9.48 6.61 -22.14
C ALA A 1 -8.56 5.41 -22.41
N PRO A 2 -8.99 4.49 -23.25
CA PRO A 2 -8.17 3.30 -23.57
C PRO A 2 -6.86 3.74 -24.24
N GLY A 3 -6.24 2.87 -24.98
CA GLY A 3 -4.96 3.24 -25.65
C GLY A 3 -3.90 3.54 -24.60
N ALA A 4 -4.17 3.23 -23.36
CA ALA A 4 -3.18 3.51 -22.29
C ALA A 4 -3.63 2.85 -20.99
N LEU A 5 -3.49 1.55 -20.87
CA LEU A 5 -3.92 0.86 -19.62
C LEU A 5 -2.90 1.18 -18.50
N PRO A 6 -3.33 1.26 -17.25
CA PRO A 6 -2.40 1.57 -16.15
C PRO A 6 -1.28 0.51 -16.12
N THR A 7 -0.15 0.84 -15.53
CA THR A 7 0.99 -0.13 -15.47
C THR A 7 1.75 0.08 -14.15
N TYR A 8 1.11 0.64 -13.16
CA TYR A 8 1.78 0.88 -11.85
C TYR A 8 0.72 0.97 -10.75
N TRP A 9 -0.40 0.33 -10.95
CA TRP A 9 -1.49 0.35 -9.92
C TRP A 9 -1.22 -0.69 -8.79
N PRO A 10 -0.80 -1.90 -9.14
CA PRO A 10 -0.57 -2.94 -8.12
C PRO A 10 0.36 -2.44 -7.01
N TRP A 11 1.42 -1.73 -7.32
CA TRP A 11 2.32 -1.23 -6.24
C TRP A 11 1.57 -0.13 -5.46
N LEU A 12 0.76 0.63 -6.16
CA LEU A 12 0.00 1.73 -5.48
C LEU A 12 -1.07 1.13 -4.57
N CYS A 13 -1.87 0.22 -5.09
CA CYS A 13 -2.92 -0.40 -4.24
C CYS A 13 -2.26 -1.01 -3.00
N ALA A 14 -1.12 -1.62 -3.19
CA ALA A 14 -0.39 -2.20 -2.04
C ALA A 14 0.15 -1.05 -1.18
N ALA A 15 0.59 0.00 -1.81
CA ALA A 15 1.13 1.16 -1.03
C ALA A 15 0.04 1.70 -0.11
N ALA A 16 -1.20 1.56 -0.49
CA ALA A 16 -2.32 2.06 0.36
C ALA A 16 -2.49 1.19 1.61
N GLN A 17 -2.65 -0.09 1.43
CA GLN A 17 -2.82 -0.98 2.63
C GLN A 17 -1.50 -1.03 3.41
N VAL A 18 -0.40 -1.18 2.72
CA VAL A 18 0.91 -1.23 3.40
C VAL A 18 1.06 0.04 4.28
N ALA A 19 0.45 1.11 3.87
CA ALA A 19 0.54 2.36 4.68
C ALA A 19 -0.32 2.20 5.93
N ALA A 20 -1.43 1.52 5.83
CA ALA A 20 -2.30 1.32 7.02
C ALA A 20 -1.68 0.28 7.96
N LEU A 21 -1.31 -0.85 7.43
CA LEU A 21 -0.70 -1.90 8.29
C LEU A 21 0.60 -1.36 8.89
N ALA A 22 1.47 -0.83 8.08
CA ALA A 22 2.75 -0.28 8.61
C ALA A 22 2.46 0.78 9.69
N ALA A 23 1.40 1.52 9.54
CA ALA A 23 1.07 2.57 10.56
C ALA A 23 0.67 1.90 11.88
N TRP A 24 -0.28 1.01 11.84
CA TRP A 24 -0.71 0.31 13.08
C TRP A 24 0.48 -0.44 13.66
N LEU A 25 1.12 -1.21 12.84
CA LEU A 25 2.30 -2.01 13.29
C LEU A 25 3.32 -1.07 13.95
N LEU A 26 3.35 0.17 13.53
CA LEU A 26 4.32 1.12 14.13
C LEU A 26 4.05 1.21 15.65
N GLY A 27 2.84 0.90 16.04
CA GLY A 27 2.49 0.98 17.49
C GLY A 27 3.22 -0.14 18.25
N ARG A 28 3.31 -1.30 17.69
CA ARG A 28 4.00 -2.42 18.38
C ARG A 28 5.49 -2.07 18.58
N ARG A 29 6.34 -2.80 17.91
CA ARG A 29 7.82 -2.59 18.04
C ARG A 29 8.24 -2.87 19.49
N ASN A 30 7.80 -3.98 20.02
CA ASN A 30 8.17 -4.37 21.42
C ASN A 30 8.23 -5.89 21.51
N LEU A 31 8.22 -6.56 20.39
CA LEU A 31 8.27 -8.05 20.41
C LEU A 31 9.68 -8.50 20.82
N ALA A 1 -3.80 8.56 -24.82
CA ALA A 1 -4.83 8.20 -23.80
C ALA A 1 -4.22 7.21 -22.79
N PRO A 2 -3.30 7.67 -21.96
CA PRO A 2 -2.66 6.78 -20.97
C PRO A 2 -3.72 6.25 -19.99
N GLY A 3 -4.80 6.98 -19.84
CA GLY A 3 -5.87 6.52 -18.91
C GLY A 3 -6.57 5.30 -19.50
N ALA A 4 -5.93 4.16 -19.43
CA ALA A 4 -6.56 2.92 -19.99
C ALA A 4 -5.74 1.70 -19.57
N LEU A 5 -6.34 0.77 -18.88
CA LEU A 5 -5.59 -0.45 -18.44
C LEU A 5 -4.30 -0.03 -17.69
N PRO A 6 -4.45 0.53 -16.50
CA PRO A 6 -3.28 0.97 -15.72
C PRO A 6 -2.36 -0.24 -15.44
N THR A 7 -1.10 0.02 -15.18
CA THR A 7 -0.11 -1.09 -14.91
C THR A 7 0.65 -0.84 -13.60
N TYR A 8 0.69 0.39 -13.13
CA TYR A 8 1.41 0.70 -11.85
C TYR A 8 0.41 0.73 -10.70
N TRP A 9 -0.77 0.25 -10.92
CA TRP A 9 -1.80 0.24 -9.84
C TRP A 9 -1.45 -0.79 -8.73
N PRO A 10 -1.03 -1.98 -9.08
CA PRO A 10 -0.72 -3.02 -8.07
C PRO A 10 0.25 -2.50 -7.00
N TRP A 11 1.31 -1.82 -7.36
CA TRP A 11 2.25 -1.32 -6.31
C TRP A 11 1.56 -0.20 -5.53
N LEU A 12 0.81 0.63 -6.21
CA LEU A 12 0.11 1.76 -5.53
C LEU A 12 -0.96 1.19 -4.59
N CYS A 13 -1.79 0.30 -5.08
CA CYS A 13 -2.84 -0.29 -4.19
C CYS A 13 -2.15 -0.89 -2.97
N ALA A 14 -1.03 -1.51 -3.17
CA ALA A 14 -0.28 -2.09 -2.02
C ALA A 14 0.26 -0.94 -1.17
N ALA A 15 0.70 0.12 -1.80
CA ALA A 15 1.24 1.27 -1.03
C ALA A 15 0.16 1.81 -0.08
N ALA A 16 -1.08 1.66 -0.46
CA ALA A 16 -2.19 2.16 0.41
C ALA A 16 -2.35 1.26 1.64
N GLN A 17 -2.53 -0.02 1.45
CA GLN A 17 -2.70 -0.93 2.61
C GLN A 17 -1.40 -0.99 3.40
N VAL A 18 -0.28 -1.10 2.72
CA VAL A 18 1.02 -1.13 3.43
C VAL A 18 1.14 0.11 4.33
N ALA A 19 0.52 1.19 3.93
CA ALA A 19 0.57 2.42 4.78
C ALA A 19 -0.30 2.21 6.02
N ALA A 20 -1.39 1.50 5.88
CA ALA A 20 -2.28 1.26 7.06
C ALA A 20 -1.65 0.21 7.98
N LEU A 21 -1.26 -0.91 7.43
CA LEU A 21 -0.64 -1.98 8.27
C LEU A 21 0.64 -1.42 8.90
N ALA A 22 1.44 -0.74 8.13
CA ALA A 22 2.70 -0.17 8.69
C ALA A 22 2.36 0.83 9.80
N ALA A 23 1.28 1.55 9.64
CA ALA A 23 0.90 2.57 10.69
C ALA A 23 0.53 1.85 11.99
N TRP A 24 -0.32 0.86 11.90
CA TRP A 24 -0.73 0.13 13.12
C TRP A 24 0.47 -0.66 13.66
N LEU A 25 1.07 -1.42 12.81
CA LEU A 25 2.27 -2.23 13.20
C LEU A 25 3.33 -1.32 13.83
N LEU A 26 3.44 -0.11 13.36
CA LEU A 26 4.45 0.82 13.95
C LEU A 26 4.14 1.01 15.44
N GLY A 27 2.91 0.80 15.82
CA GLY A 27 2.53 0.96 17.25
C GLY A 27 3.23 -0.11 18.10
N ARG A 28 3.36 -1.30 17.56
CA ARG A 28 4.01 -2.40 18.34
C ARG A 28 5.51 -2.10 18.49
N ARG A 29 6.33 -2.93 17.89
CA ARG A 29 7.81 -2.77 17.98
C ARG A 29 8.24 -2.93 19.45
N ASN A 30 7.74 -3.96 20.09
CA ASN A 30 8.11 -4.23 21.52
C ASN A 30 8.09 -5.73 21.75
N LEU A 31 7.85 -6.50 20.72
CA LEU A 31 7.82 -7.98 20.88
C LEU A 31 9.25 -8.50 21.08
N ALA A 1 -12.46 -5.54 -18.46
CA ALA A 1 -11.11 -4.92 -18.53
C ALA A 1 -11.24 -3.42 -18.19
N PRO A 2 -10.20 -2.81 -17.62
CA PRO A 2 -10.26 -1.37 -17.28
C PRO A 2 -10.54 -0.56 -18.55
N GLY A 3 -10.24 0.72 -18.53
CA GLY A 3 -10.47 1.60 -19.72
C GLY A 3 -9.27 2.53 -19.89
N ALA A 4 -8.77 3.09 -18.82
CA ALA A 4 -7.60 4.01 -18.92
C ALA A 4 -6.32 3.17 -19.07
N LEU A 5 -6.41 1.88 -18.85
CA LEU A 5 -5.20 1.00 -18.96
C LEU A 5 -4.08 1.57 -18.07
N PRO A 6 -4.24 1.50 -16.75
CA PRO A 6 -3.22 2.02 -15.83
C PRO A 6 -1.93 1.20 -15.97
N THR A 7 -0.85 1.64 -15.36
CA THR A 7 0.44 0.88 -15.46
C THR A 7 1.22 1.07 -14.15
N TYR A 8 0.56 1.38 -13.07
CA TYR A 8 1.27 1.58 -11.77
C TYR A 8 0.26 1.49 -10.61
N TRP A 9 -0.85 0.86 -10.83
CA TRP A 9 -1.88 0.72 -9.76
C TRP A 9 -1.50 -0.40 -8.76
N PRO A 10 -0.99 -1.53 -9.23
CA PRO A 10 -0.65 -2.64 -8.31
C PRO A 10 0.29 -2.17 -7.18
N TRP A 11 1.31 -1.41 -7.47
CA TRP A 11 2.21 -0.95 -6.38
C TRP A 11 1.45 0.07 -5.52
N LEU A 12 0.57 0.84 -6.13
CA LEU A 12 -0.21 1.87 -5.38
C LEU A 12 -1.22 1.18 -4.46
N CYS A 13 -2.01 0.27 -4.98
CA CYS A 13 -3.01 -0.42 -4.11
C CYS A 13 -2.27 -1.05 -2.94
N ALA A 14 -1.12 -1.62 -3.20
CA ALA A 14 -0.32 -2.22 -2.11
C ALA A 14 0.21 -1.10 -1.22
N ALA A 15 0.61 0.00 -1.80
CA ALA A 15 1.12 1.13 -1.00
C ALA A 15 0.05 1.62 -0.03
N ALA A 16 -1.20 1.48 -0.40
CA ALA A 16 -2.31 1.94 0.48
C ALA A 16 -2.42 1.04 1.71
N GLN A 17 -2.56 -0.25 1.50
CA GLN A 17 -2.69 -1.18 2.66
C GLN A 17 -1.36 -1.23 3.41
N VAL A 18 -0.28 -1.35 2.70
CA VAL A 18 1.06 -1.38 3.36
C VAL A 18 1.20 -0.13 4.25
N ALA A 19 0.58 0.95 3.87
CA ALA A 19 0.66 2.19 4.70
C ALA A 19 -0.18 1.99 5.97
N ALA A 20 -1.30 1.33 5.86
CA ALA A 20 -2.16 1.12 7.06
C ALA A 20 -1.52 0.07 7.98
N LEU A 21 -1.16 -1.06 7.43
CA LEU A 21 -0.52 -2.12 8.27
C LEU A 21 0.79 -1.58 8.85
N ALA A 22 1.58 -0.93 8.06
CA ALA A 22 2.88 -0.39 8.57
C ALA A 22 2.60 0.68 9.63
N ALA A 23 1.64 1.54 9.41
CA ALA A 23 1.33 2.60 10.41
C ALA A 23 0.88 1.96 11.73
N TRP A 24 -0.10 1.10 11.68
CA TRP A 24 -0.58 0.44 12.91
C TRP A 24 0.56 -0.38 13.52
N LEU A 25 1.15 -1.21 12.71
CA LEU A 25 2.27 -2.08 13.17
C LEU A 25 3.36 -1.21 13.83
N LEU A 26 3.49 0.01 13.40
CA LEU A 26 4.52 0.90 14.01
C LEU A 26 4.23 1.07 15.50
N GLY A 27 3.00 0.87 15.89
CA GLY A 27 2.64 1.01 17.33
C GLY A 27 3.31 -0.11 18.13
N ARG A 28 3.26 -1.32 17.62
CA ARG A 28 3.89 -2.45 18.36
C ARG A 28 5.40 -2.20 18.51
N ARG A 29 6.20 -2.98 17.84
CA ARG A 29 7.67 -2.82 17.92
C ARG A 29 8.10 -2.95 19.39
N ASN A 30 7.50 -3.87 20.10
CA ASN A 30 7.85 -4.08 21.54
C ASN A 30 7.77 -5.58 21.85
N LEU A 31 7.89 -6.40 20.85
CA LEU A 31 7.83 -7.88 21.07
C LEU A 31 9.10 -8.32 21.80
N ALA A 1 2.01 8.30 -25.97
CA ALA A 1 1.85 8.14 -24.49
C ALA A 1 0.35 8.15 -24.13
N PRO A 2 -0.37 7.11 -24.50
CA PRO A 2 -1.81 7.05 -24.19
C PRO A 2 -2.02 7.04 -22.66
N GLY A 3 -1.22 6.29 -21.95
CA GLY A 3 -1.37 6.24 -20.47
C GLY A 3 -2.65 5.48 -20.11
N ALA A 4 -3.47 5.17 -21.08
CA ALA A 4 -4.73 4.43 -20.78
C ALA A 4 -4.38 3.01 -20.33
N LEU A 5 -3.11 2.71 -20.22
CA LEU A 5 -2.66 1.34 -19.79
C LEU A 5 -1.67 1.49 -18.60
N PRO A 6 -2.17 1.71 -17.40
CA PRO A 6 -1.29 1.88 -16.23
C PRO A 6 -0.39 0.63 -16.08
N THR A 7 0.74 0.78 -15.43
CA THR A 7 1.68 -0.37 -15.23
C THR A 7 2.38 -0.22 -13.88
N TYR A 8 1.77 0.47 -12.96
CA TYR A 8 2.40 0.68 -11.60
C TYR A 8 1.28 0.80 -10.56
N TRP A 9 0.14 0.24 -10.82
CA TRP A 9 -1.01 0.32 -9.87
C TRP A 9 -0.84 -0.72 -8.73
N PRO A 10 -0.46 -1.95 -9.05
CA PRO A 10 -0.34 -3.00 -8.02
C PRO A 10 0.55 -2.55 -6.85
N TRP A 11 1.66 -1.90 -7.12
CA TRP A 11 2.51 -1.43 -5.98
C TRP A 11 1.79 -0.30 -5.25
N LEU A 12 1.06 0.51 -5.99
CA LEU A 12 0.32 1.65 -5.37
C LEU A 12 -0.83 1.12 -4.52
N CYS A 13 -1.64 0.25 -5.07
CA CYS A 13 -2.78 -0.31 -4.27
C CYS A 13 -2.20 -0.93 -2.99
N ALA A 14 -1.12 -1.64 -3.12
CA ALA A 14 -0.48 -2.24 -1.93
C ALA A 14 0.07 -1.12 -1.05
N ALA A 15 0.62 -0.10 -1.65
CA ALA A 15 1.18 1.03 -0.85
C ALA A 15 0.07 1.65 0.00
N ALA A 16 -1.14 1.58 -0.46
CA ALA A 16 -2.28 2.18 0.30
C ALA A 16 -2.55 1.36 1.57
N GLN A 17 -2.77 0.08 1.44
CA GLN A 17 -3.03 -0.75 2.65
C GLN A 17 -1.75 -0.88 3.47
N VAL A 18 -0.65 -1.14 2.82
CA VAL A 18 0.64 -1.26 3.56
C VAL A 18 0.86 0.01 4.39
N ALA A 19 0.36 1.12 3.92
CA ALA A 19 0.52 2.39 4.69
C ALA A 19 -0.38 2.35 5.91
N ALA A 20 -1.55 1.76 5.80
CA ALA A 20 -2.48 1.70 6.96
C ALA A 20 -1.97 0.65 7.97
N LEU A 21 -1.69 -0.53 7.51
CA LEU A 21 -1.20 -1.59 8.44
C LEU A 21 0.14 -1.16 9.04
N ALA A 22 1.08 -0.76 8.23
CA ALA A 22 2.40 -0.32 8.77
C ALA A 22 2.21 0.73 9.86
N ALA A 23 1.24 1.59 9.71
CA ALA A 23 1.00 2.65 10.74
C ALA A 23 0.62 2.00 12.07
N TRP A 24 -0.34 1.12 12.06
CA TRP A 24 -0.78 0.45 13.31
C TRP A 24 0.36 -0.45 13.80
N LEU A 25 0.81 -1.32 12.95
CA LEU A 25 1.91 -2.26 13.31
C LEU A 25 3.10 -1.48 13.86
N LEU A 26 3.34 -0.29 13.37
CA LEU A 26 4.50 0.50 13.88
C LEU A 26 4.27 0.74 15.38
N GLY A 27 3.05 0.69 15.82
CA GLY A 27 2.78 0.91 17.27
C GLY A 27 3.41 -0.22 18.07
N ARG A 28 3.34 -1.43 17.58
CA ARG A 28 3.95 -2.58 18.30
C ARG A 28 5.48 -2.45 18.27
N ARG A 29 6.12 -3.37 17.61
CA ARG A 29 7.61 -3.34 17.53
C ARG A 29 8.19 -3.38 18.94
N ASN A 30 7.38 -3.74 19.89
CA ASN A 30 7.85 -3.82 21.32
C ASN A 30 8.41 -5.22 21.56
N LEU A 31 8.03 -6.15 20.72
CA LEU A 31 8.53 -7.55 20.88
C LEU A 31 10.01 -7.61 20.52
N ALA A 1 -8.20 -6.94 -24.10
CA ALA A 1 -7.37 -5.71 -24.22
C ALA A 1 -8.25 -4.47 -23.98
N PRO A 2 -8.69 -4.26 -22.75
CA PRO A 2 -9.54 -3.09 -22.42
C PRO A 2 -8.74 -1.80 -22.65
N GLY A 3 -7.52 -1.91 -23.12
CA GLY A 3 -6.69 -0.68 -23.36
C GLY A 3 -6.20 -0.12 -22.02
N ALA A 4 -6.82 -0.50 -20.93
CA ALA A 4 -6.39 0.01 -19.61
C ALA A 4 -4.96 -0.49 -19.32
N LEU A 5 -4.81 -1.40 -18.39
CA LEU A 5 -3.44 -1.92 -18.08
C LEU A 5 -2.49 -0.75 -17.78
N PRO A 6 -2.69 -0.08 -16.65
CA PRO A 6 -1.83 1.07 -16.29
C PRO A 6 -0.35 0.62 -16.24
N THR A 7 0.55 1.55 -16.14
CA THR A 7 2.01 1.19 -16.08
C THR A 7 2.42 1.00 -14.62
N TYR A 8 1.56 1.39 -13.71
CA TYR A 8 1.86 1.24 -12.26
C TYR A 8 0.53 1.28 -11.52
N TRP A 9 0.28 0.35 -10.66
CA TRP A 9 -1.00 0.34 -9.91
C TRP A 9 -0.95 -0.72 -8.78
N PRO A 10 -0.51 -1.93 -9.07
CA PRO A 10 -0.46 -2.98 -8.04
C PRO A 10 0.44 -2.53 -6.88
N TRP A 11 1.51 -1.83 -7.18
CA TRP A 11 2.40 -1.34 -6.09
C TRP A 11 1.65 -0.23 -5.35
N LEU A 12 0.88 0.55 -6.07
CA LEU A 12 0.12 1.67 -5.43
C LEU A 12 -0.99 1.10 -4.55
N CYS A 13 -1.79 0.20 -5.08
CA CYS A 13 -2.88 -0.39 -4.25
C CYS A 13 -2.26 -0.98 -2.99
N ALA A 14 -1.13 -1.62 -3.14
CA ALA A 14 -0.44 -2.20 -1.95
C ALA A 14 0.10 -1.05 -1.09
N ALA A 15 0.58 -0.02 -1.72
CA ALA A 15 1.11 1.15 -0.95
C ALA A 15 0.01 1.71 -0.06
N ALA A 16 -1.22 1.58 -0.47
CA ALA A 16 -2.35 2.11 0.34
C ALA A 16 -2.55 1.26 1.61
N GLN A 17 -2.72 -0.03 1.45
CA GLN A 17 -2.92 -0.90 2.65
C GLN A 17 -1.63 -0.97 3.45
N VAL A 18 -0.52 -1.14 2.79
CA VAL A 18 0.79 -1.20 3.50
C VAL A 18 0.94 0.07 4.35
N ALA A 19 0.36 1.16 3.92
CA ALA A 19 0.45 2.41 4.71
C ALA A 19 -0.42 2.29 5.95
N ALA A 20 -1.55 1.63 5.83
CA ALA A 20 -2.45 1.46 7.02
C ALA A 20 -1.86 0.43 7.98
N LEU A 21 -1.51 -0.73 7.48
CA LEU A 21 -0.94 -1.78 8.37
C LEU A 21 0.37 -1.25 8.98
N ALA A 22 1.27 -0.75 8.17
CA ALA A 22 2.56 -0.23 8.71
C ALA A 22 2.28 0.81 9.81
N ALA A 23 1.21 1.55 9.68
CA ALA A 23 0.90 2.58 10.72
C ALA A 23 0.56 1.89 12.04
N TRP A 24 -0.32 0.94 12.00
CA TRP A 24 -0.71 0.21 13.25
C TRP A 24 0.49 -0.59 13.75
N LEU A 25 1.03 -1.40 12.90
CA LEU A 25 2.21 -2.24 13.26
C LEU A 25 3.32 -1.36 13.83
N LEU A 26 3.46 -0.16 13.35
CA LEU A 26 4.52 0.74 13.89
C LEU A 26 4.25 0.96 15.37
N GLY A 27 3.02 0.81 15.80
CA GLY A 27 2.70 1.00 17.24
C GLY A 27 3.40 -0.08 18.06
N ARG A 28 3.44 -1.28 17.56
CA ARG A 28 4.11 -2.38 18.31
C ARG A 28 5.61 -2.12 18.39
N ARG A 29 6.39 -2.97 17.79
CA ARG A 29 7.88 -2.84 17.81
C ARG A 29 8.38 -3.00 19.24
N ASN A 30 7.83 -3.96 19.95
CA ASN A 30 8.27 -4.22 21.36
C ASN A 30 8.21 -5.73 21.62
N LEU A 31 7.89 -6.50 20.62
CA LEU A 31 7.82 -7.98 20.79
C LEU A 31 9.25 -8.53 20.95
N ALA A 1 -15.11 1.04 -21.56
CA ALA A 1 -14.15 1.74 -20.67
C ALA A 1 -13.30 0.72 -19.91
N PRO A 2 -12.39 0.04 -20.60
CA PRO A 2 -11.53 -0.96 -19.95
C PRO A 2 -10.64 -0.28 -18.90
N GLY A 3 -9.56 -0.90 -18.52
CA GLY A 3 -8.65 -0.30 -17.51
C GLY A 3 -7.31 -1.05 -17.52
N ALA A 4 -6.90 -1.56 -18.67
CA ALA A 4 -5.61 -2.32 -18.76
C ALA A 4 -4.53 -1.39 -19.31
N LEU A 5 -4.87 -0.16 -19.59
CA LEU A 5 -3.86 0.80 -20.13
C LEU A 5 -2.77 1.10 -19.08
N PRO A 6 -3.13 1.32 -17.82
CA PRO A 6 -2.13 1.64 -16.78
C PRO A 6 -1.23 0.41 -16.55
N THR A 7 -0.30 0.50 -15.63
CA THR A 7 0.60 -0.66 -15.37
C THR A 7 1.41 -0.39 -14.09
N TYR A 8 0.84 0.31 -13.14
CA TYR A 8 1.56 0.61 -11.86
C TYR A 8 0.56 0.68 -10.71
N TRP A 9 -0.60 0.12 -10.90
CA TRP A 9 -1.65 0.14 -9.83
C TRP A 9 -1.32 -0.90 -8.72
N PRO A 10 -0.89 -2.10 -9.07
CA PRO A 10 -0.60 -3.13 -8.06
C PRO A 10 0.36 -2.61 -6.97
N TRP A 11 1.41 -1.91 -7.32
CA TRP A 11 2.34 -1.40 -6.27
C TRP A 11 1.63 -0.27 -5.49
N LEU A 12 0.85 0.52 -6.17
CA LEU A 12 0.13 1.65 -5.51
C LEU A 12 -0.96 1.08 -4.60
N CYS A 13 -1.79 0.23 -5.11
CA CYS A 13 -2.86 -0.38 -4.25
C CYS A 13 -2.21 -0.98 -3.01
N ALA A 14 -1.09 -1.62 -3.19
CA ALA A 14 -0.38 -2.21 -2.02
C ALA A 14 0.18 -1.07 -1.18
N ALA A 15 0.66 -0.03 -1.81
CA ALA A 15 1.22 1.12 -1.07
C ALA A 15 0.14 1.71 -0.15
N ALA A 16 -1.11 1.59 -0.55
CA ALA A 16 -2.21 2.15 0.29
C ALA A 16 -2.41 1.30 1.55
N GLN A 17 -2.61 0.02 1.40
CA GLN A 17 -2.79 -0.85 2.60
C GLN A 17 -1.50 -0.91 3.39
N VAL A 18 -0.39 -1.10 2.72
CA VAL A 18 0.92 -1.15 3.43
C VAL A 18 1.07 0.11 4.28
N ALA A 19 0.49 1.21 3.84
CA ALA A 19 0.59 2.47 4.63
C ALA A 19 -0.28 2.34 5.88
N ALA A 20 -1.41 1.68 5.77
CA ALA A 20 -2.30 1.54 6.96
C ALA A 20 -1.72 0.49 7.92
N LEU A 21 -1.38 -0.66 7.42
CA LEU A 21 -0.81 -1.72 8.29
C LEU A 21 0.48 -1.19 8.92
N ALA A 22 1.39 -0.69 8.12
CA ALA A 22 2.67 -0.16 8.66
C ALA A 22 2.39 0.87 9.77
N ALA A 23 1.34 1.63 9.64
CA ALA A 23 1.03 2.64 10.69
C ALA A 23 0.64 1.93 12.00
N TRP A 24 -0.30 1.04 11.94
CA TRP A 24 -0.72 0.30 13.15
C TRP A 24 0.48 -0.45 13.71
N LEU A 25 1.12 -1.22 12.87
CA LEU A 25 2.31 -2.00 13.29
C LEU A 25 3.33 -1.07 13.96
N LEU A 26 3.34 0.17 13.58
CA LEU A 26 4.31 1.13 14.20
C LEU A 26 4.03 1.18 15.71
N GLY A 27 2.83 0.84 16.11
CA GLY A 27 2.48 0.88 17.56
C GLY A 27 3.19 -0.26 18.31
N ARG A 28 3.24 -1.42 17.72
CA ARG A 28 3.90 -2.57 18.41
C ARG A 28 5.36 -2.21 18.75
N ARG A 29 6.28 -2.74 17.99
CA ARG A 29 7.73 -2.49 18.26
C ARG A 29 8.04 -2.92 19.70
N ASN A 30 7.75 -4.14 20.01
CA ASN A 30 8.00 -4.66 21.39
C ASN A 30 8.17 -6.18 21.32
N LEU A 31 8.36 -6.70 20.14
CA LEU A 31 8.53 -8.18 19.99
C LEU A 31 9.87 -8.60 20.60
N ALA A 1 -10.41 6.88 -24.04
CA ALA A 1 -9.01 7.01 -24.54
C ALA A 1 -8.09 6.09 -23.72
N PRO A 2 -8.22 4.78 -23.89
CA PRO A 2 -7.38 3.82 -23.15
C PRO A 2 -5.90 4.00 -23.56
N GLY A 3 -5.63 4.94 -24.42
CA GLY A 3 -4.22 5.16 -24.85
C GLY A 3 -3.37 5.59 -23.66
N ALA A 4 -2.97 4.65 -22.85
CA ALA A 4 -2.13 4.98 -21.65
C ALA A 4 -1.37 3.73 -21.20
N LEU A 5 -1.93 2.57 -21.43
CA LEU A 5 -1.24 1.32 -21.02
C LEU A 5 -0.85 1.39 -19.53
N PRO A 6 -1.83 1.36 -18.63
CA PRO A 6 -1.54 1.43 -17.19
C PRO A 6 -0.68 0.23 -16.77
N THR A 7 0.15 0.39 -15.77
CA THR A 7 1.01 -0.74 -15.32
C THR A 7 1.73 -0.37 -14.03
N TYR A 8 1.06 0.35 -13.14
CA TYR A 8 1.70 0.75 -11.84
C TYR A 8 0.63 0.74 -10.73
N TRP A 9 -0.47 0.10 -10.98
CA TRP A 9 -1.57 0.04 -9.98
C TRP A 9 -1.22 -0.94 -8.83
N PRO A 10 -0.66 -2.10 -9.13
CA PRO A 10 -0.34 -3.09 -8.08
C PRO A 10 0.54 -2.48 -6.96
N TRP A 11 1.56 -1.72 -7.29
CA TRP A 11 2.40 -1.13 -6.21
C TRP A 11 1.58 -0.06 -5.47
N LEU A 12 0.72 0.62 -6.20
CA LEU A 12 -0.11 1.69 -5.57
C LEU A 12 -1.13 1.05 -4.63
N CYS A 13 -1.86 0.07 -5.10
CA CYS A 13 -2.86 -0.60 -4.22
C CYS A 13 -2.14 -1.11 -2.97
N ALA A 14 -0.97 -1.65 -3.16
CA ALA A 14 -0.18 -2.14 -1.99
C ALA A 14 0.26 -0.94 -1.17
N ALA A 15 0.61 0.13 -1.82
CA ALA A 15 1.06 1.35 -1.09
C ALA A 15 -0.06 1.84 -0.16
N ALA A 16 -1.29 1.58 -0.53
CA ALA A 16 -2.44 2.04 0.31
C ALA A 16 -2.53 1.17 1.58
N GLN A 17 -2.61 -0.13 1.42
CA GLN A 17 -2.71 -1.01 2.62
C GLN A 17 -1.41 -0.94 3.41
N VAL A 18 -0.29 -1.01 2.73
CA VAL A 18 1.02 -0.94 3.43
C VAL A 18 1.05 0.32 4.29
N ALA A 19 0.36 1.36 3.87
CA ALA A 19 0.33 2.62 4.66
C ALA A 19 -0.52 2.40 5.92
N ALA A 20 -1.60 1.67 5.80
CA ALA A 20 -2.47 1.42 6.99
C ALA A 20 -1.80 0.42 7.92
N LEU A 21 -1.37 -0.71 7.40
CA LEU A 21 -0.70 -1.72 8.27
C LEU A 21 0.55 -1.09 8.91
N ALA A 22 1.40 -0.49 8.12
CA ALA A 22 2.62 0.14 8.69
C ALA A 22 2.24 1.10 9.83
N ALA A 23 1.09 1.71 9.76
CA ALA A 23 0.67 2.66 10.84
C ALA A 23 0.36 1.88 12.12
N TRP A 24 -0.38 0.82 12.01
CA TRP A 24 -0.72 0.02 13.22
C TRP A 24 0.53 -0.71 13.70
N LEU A 25 1.15 -1.42 12.82
CA LEU A 25 2.39 -2.19 13.17
C LEU A 25 3.41 -1.25 13.82
N LEU A 26 3.41 0.00 13.46
CA LEU A 26 4.38 0.95 14.05
C LEU A 26 4.14 1.00 15.57
N GLY A 27 2.94 0.67 15.99
CA GLY A 27 2.63 0.70 17.45
C GLY A 27 3.41 -0.41 18.17
N ARG A 28 3.51 -1.55 17.56
CA ARG A 28 4.25 -2.68 18.22
C ARG A 28 5.72 -2.29 18.40
N ARG A 29 6.60 -2.99 17.73
CA ARG A 29 8.08 -2.72 17.84
C ARG A 29 8.53 -3.03 19.27
N ASN A 30 7.85 -3.94 19.93
CA ASN A 30 8.23 -4.35 21.33
C ASN A 30 8.64 -5.82 21.27
N LEU A 31 7.80 -6.64 20.69
CA LEU A 31 8.10 -8.09 20.55
C LEU A 31 8.65 -8.67 21.87
N ALA A 1 -16.09 -5.88 -16.13
CA ALA A 1 -14.67 -6.16 -16.48
C ALA A 1 -13.78 -5.93 -15.25
N PRO A 2 -13.87 -6.79 -14.25
CA PRO A 2 -13.07 -6.64 -13.03
C PRO A 2 -11.57 -6.75 -13.38
N GLY A 3 -10.74 -7.08 -12.44
CA GLY A 3 -9.28 -7.20 -12.71
C GLY A 3 -8.72 -5.81 -13.04
N ALA A 4 -8.91 -4.87 -12.16
CA ALA A 4 -8.39 -3.50 -12.42
C ALA A 4 -6.86 -3.49 -12.31
N LEU A 5 -6.19 -3.61 -13.43
CA LEU A 5 -4.68 -3.63 -13.44
C LEU A 5 -4.17 -2.69 -14.55
N PRO A 6 -4.49 -1.41 -14.50
CA PRO A 6 -4.04 -0.45 -15.53
C PRO A 6 -2.51 -0.56 -15.74
N THR A 7 -1.72 -0.16 -14.78
CA THR A 7 -0.23 -0.26 -14.96
C THR A 7 0.51 -0.10 -13.63
N TYR A 8 0.51 1.09 -13.05
CA TYR A 8 1.23 1.32 -11.76
C TYR A 8 0.26 1.23 -10.59
N TRP A 9 -0.89 0.67 -10.81
CA TRP A 9 -1.89 0.54 -9.72
C TRP A 9 -1.48 -0.54 -8.69
N PRO A 10 -0.98 -1.69 -9.14
CA PRO A 10 -0.61 -2.78 -8.22
C PRO A 10 0.34 -2.29 -7.11
N TRP A 11 1.34 -1.52 -7.42
CA TRP A 11 2.26 -1.05 -6.33
C TRP A 11 1.49 -0.03 -5.46
N LEU A 12 0.63 0.73 -6.07
CA LEU A 12 -0.15 1.76 -5.32
C LEU A 12 -1.15 1.07 -4.39
N CYS A 13 -1.94 0.15 -4.91
CA CYS A 13 -2.91 -0.56 -4.04
C CYS A 13 -2.16 -1.17 -2.86
N ALA A 14 -1.03 -1.77 -3.13
CA ALA A 14 -0.22 -2.35 -2.04
C ALA A 14 0.28 -1.21 -1.14
N ALA A 15 0.67 -0.12 -1.74
CA ALA A 15 1.17 1.04 -0.93
C ALA A 15 0.08 1.51 0.03
N ALA A 16 -1.16 1.34 -0.34
CA ALA A 16 -2.28 1.78 0.55
C ALA A 16 -2.37 0.87 1.77
N GLN A 17 -2.49 -0.41 1.57
CA GLN A 17 -2.58 -1.34 2.73
C GLN A 17 -1.26 -1.31 3.48
N VAL A 18 -0.18 -1.43 2.78
CA VAL A 18 1.16 -1.40 3.43
C VAL A 18 1.27 -0.12 4.28
N ALA A 19 0.64 0.93 3.87
CA ALA A 19 0.68 2.20 4.66
C ALA A 19 -0.16 2.03 5.92
N ALA A 20 -1.26 1.32 5.84
CA ALA A 20 -2.13 1.13 7.03
C ALA A 20 -1.48 0.12 7.99
N LEU A 21 -1.10 -1.01 7.48
CA LEU A 21 -0.46 -2.04 8.36
C LEU A 21 0.83 -1.46 8.94
N ALA A 22 1.61 -0.80 8.14
CA ALA A 22 2.88 -0.21 8.65
C ALA A 22 2.59 0.86 9.70
N ALA A 23 1.62 1.71 9.46
CA ALA A 23 1.29 2.79 10.44
C ALA A 23 0.81 2.15 11.75
N TRP A 24 -0.17 1.30 11.69
CA TRP A 24 -0.68 0.65 12.92
C TRP A 24 0.46 -0.14 13.58
N LEU A 25 1.11 -0.95 12.80
CA LEU A 25 2.25 -1.77 13.30
C LEU A 25 3.27 -0.86 13.99
N LEU A 26 3.35 0.37 13.56
CA LEU A 26 4.32 1.32 14.19
C LEU A 26 3.93 1.48 15.68
N GLY A 27 2.68 1.24 16.00
CA GLY A 27 2.22 1.38 17.41
C GLY A 27 2.59 0.13 18.21
N ARG A 28 3.68 -0.51 17.86
CA ARG A 28 4.12 -1.76 18.60
C ARG A 28 5.62 -1.67 18.87
N ARG A 29 6.40 -2.37 18.09
CA ARG A 29 7.88 -2.39 18.27
C ARG A 29 8.20 -3.00 19.65
N ASN A 30 7.71 -4.17 19.91
CA ASN A 30 7.97 -4.85 21.21
C ASN A 30 7.91 -6.37 20.98
N LEU A 31 8.09 -6.79 19.76
CA LEU A 31 8.06 -8.25 19.45
C LEU A 31 9.32 -8.92 20.00
N ALA A 1 -4.05 -4.15 -23.12
CA ALA A 1 -5.22 -3.78 -22.29
C ALA A 1 -5.51 -2.26 -22.45
N PRO A 2 -5.97 -1.86 -23.62
CA PRO A 2 -6.27 -0.43 -23.87
C PRO A 2 -7.38 0.04 -22.90
N GLY A 3 -8.13 -0.88 -22.36
CA GLY A 3 -9.21 -0.49 -21.41
C GLY A 3 -8.61 -0.05 -20.08
N ALA A 4 -7.54 0.70 -20.13
CA ALA A 4 -6.90 1.16 -18.86
C ALA A 4 -5.81 2.19 -19.18
N LEU A 5 -6.14 3.45 -19.07
CA LEU A 5 -5.13 4.52 -19.38
C LEU A 5 -3.98 4.49 -18.33
N PRO A 6 -4.29 4.34 -17.05
CA PRO A 6 -3.23 4.32 -16.02
C PRO A 6 -2.37 3.06 -16.18
N THR A 7 -1.33 2.93 -15.39
CA THR A 7 -0.46 1.73 -15.49
C THR A 7 0.47 1.67 -14.27
N TYR A 8 -0.02 2.09 -13.13
CA TYR A 8 0.83 2.05 -11.89
C TYR A 8 -0.10 1.99 -10.66
N TRP A 9 -1.26 1.42 -10.82
CA TRP A 9 -2.23 1.31 -9.69
C TRP A 9 -1.86 0.13 -8.75
N PRO A 10 -1.50 -1.02 -9.30
CA PRO A 10 -1.18 -2.20 -8.45
C PRO A 10 -0.16 -1.85 -7.37
N TRP A 11 0.89 -1.13 -7.68
CA TRP A 11 1.88 -0.78 -6.62
C TRP A 11 1.22 0.22 -5.65
N LEU A 12 0.45 1.14 -6.18
CA LEU A 12 -0.22 2.15 -5.33
C LEU A 12 -1.23 1.45 -4.42
N CYS A 13 -2.08 0.62 -4.97
CA CYS A 13 -3.07 -0.10 -4.14
C CYS A 13 -2.33 -0.81 -3.01
N ALA A 14 -1.25 -1.46 -3.34
CA ALA A 14 -0.45 -2.15 -2.30
C ALA A 14 0.11 -1.09 -1.34
N ALA A 15 0.53 0.03 -1.86
CA ALA A 15 1.08 1.10 -0.99
C ALA A 15 0.02 1.55 0.01
N ALA A 16 -1.23 1.45 -0.33
CA ALA A 16 -2.32 1.88 0.59
C ALA A 16 -2.41 0.91 1.77
N GLN A 17 -2.57 -0.37 1.53
CA GLN A 17 -2.67 -1.33 2.65
C GLN A 17 -1.32 -1.40 3.35
N VAL A 18 -0.27 -1.53 2.59
CA VAL A 18 1.10 -1.60 3.20
C VAL A 18 1.29 -0.38 4.11
N ALA A 19 0.67 0.73 3.79
CA ALA A 19 0.81 1.94 4.64
C ALA A 19 0.01 1.73 5.93
N ALA A 20 -1.11 1.07 5.84
CA ALA A 20 -1.95 0.83 7.05
C ALA A 20 -1.28 -0.24 7.93
N LEU A 21 -0.94 -1.36 7.35
CA LEU A 21 -0.28 -2.43 8.14
C LEU A 21 1.04 -1.90 8.71
N ALA A 22 1.84 -1.28 7.89
CA ALA A 22 3.14 -0.74 8.37
C ALA A 22 2.89 0.32 9.45
N ALA A 23 1.86 1.10 9.29
CA ALA A 23 1.57 2.17 10.31
C ALA A 23 1.14 1.52 11.63
N TRP A 24 0.18 0.64 11.59
CA TRP A 24 -0.28 -0.03 12.82
C TRP A 24 0.88 -0.82 13.41
N LEU A 25 1.46 -1.65 12.61
CA LEU A 25 2.61 -2.49 13.06
C LEU A 25 3.70 -1.58 13.65
N LEU A 26 3.92 -0.44 13.04
CA LEU A 26 4.95 0.48 13.57
C LEU A 26 4.53 0.90 14.99
N GLY A 27 3.27 0.83 15.28
CA GLY A 27 2.79 1.22 16.64
C GLY A 27 3.30 0.21 17.68
N ARG A 28 3.38 -1.04 17.32
CA ARG A 28 3.86 -2.06 18.29
C ARG A 28 5.30 -1.75 18.70
N ARG A 29 6.22 -2.59 18.31
CA ARG A 29 7.66 -2.41 18.67
C ARG A 29 7.80 -2.49 20.19
N ASN A 30 7.20 -3.49 20.79
CA ASN A 30 7.30 -3.68 22.28
C ASN A 30 7.30 -5.18 22.58
N LEU A 31 7.71 -5.98 21.62
CA LEU A 31 7.75 -7.45 21.84
C LEU A 31 8.91 -7.80 22.78
N ALA A 1 1.20 -6.32 -24.63
CA ALA A 1 0.79 -6.03 -26.04
C ALA A 1 -0.35 -4.99 -26.06
N PRO A 2 -1.37 -5.13 -25.23
CA PRO A 2 -2.48 -4.16 -25.22
C PRO A 2 -1.97 -2.79 -24.75
N GLY A 3 -1.24 -2.76 -23.67
CA GLY A 3 -0.71 -1.46 -23.16
C GLY A 3 -1.85 -0.65 -22.53
N ALA A 4 -3.07 -1.03 -22.79
CA ALA A 4 -4.22 -0.28 -22.21
C ALA A 4 -4.21 -0.44 -20.69
N LEU A 5 -5.13 0.21 -20.00
CA LEU A 5 -5.20 0.12 -18.51
C LEU A 5 -3.87 0.63 -17.90
N PRO A 6 -3.89 1.24 -16.71
CA PRO A 6 -2.65 1.73 -16.10
C PRO A 6 -1.63 0.58 -15.99
N THR A 7 -0.47 0.85 -15.45
CA THR A 7 0.58 -0.22 -15.31
C THR A 7 1.39 0.02 -14.03
N TYR A 8 0.83 0.75 -13.09
CA TYR A 8 1.55 1.04 -11.81
C TYR A 8 0.54 1.07 -10.66
N TRP A 9 -0.64 0.54 -10.88
CA TRP A 9 -1.67 0.52 -9.81
C TRP A 9 -1.35 -0.56 -8.73
N PRO A 10 -0.94 -1.74 -9.12
CA PRO A 10 -0.66 -2.82 -8.15
C PRO A 10 0.29 -2.35 -7.05
N TRP A 11 1.35 -1.64 -7.36
CA TRP A 11 2.27 -1.18 -6.28
C TRP A 11 1.55 -0.08 -5.47
N LEU A 12 0.73 0.70 -6.12
CA LEU A 12 -0.01 1.80 -5.42
C LEU A 12 -1.07 1.19 -4.51
N CYS A 13 -1.88 0.29 -5.03
CA CYS A 13 -2.93 -0.35 -4.18
C CYS A 13 -2.23 -0.98 -2.96
N ALA A 14 -1.10 -1.59 -3.18
CA ALA A 14 -0.36 -2.19 -2.04
C ALA A 14 0.19 -1.06 -1.18
N ALA A 15 0.62 0.00 -1.79
CA ALA A 15 1.16 1.15 -1.01
C ALA A 15 0.09 1.67 -0.05
N ALA A 16 -1.16 1.53 -0.42
CA ALA A 16 -2.27 2.03 0.44
C ALA A 16 -2.42 1.13 1.67
N GLN A 17 -2.59 -0.15 1.47
CA GLN A 17 -2.74 -1.07 2.64
C GLN A 17 -1.43 -1.12 3.41
N VAL A 18 -0.34 -1.25 2.73
CA VAL A 18 0.99 -1.29 3.41
C VAL A 18 1.11 -0.05 4.30
N ALA A 19 0.51 1.04 3.91
CA ALA A 19 0.57 2.28 4.74
C ALA A 19 -0.30 2.09 5.97
N ALA A 20 -1.40 1.39 5.84
CA ALA A 20 -2.30 1.16 7.00
C ALA A 20 -1.66 0.16 7.97
N LEU A 21 -1.24 -0.96 7.46
CA LEU A 21 -0.60 -1.98 8.35
C LEU A 21 0.70 -1.40 8.92
N ALA A 22 1.50 -0.77 8.10
CA ALA A 22 2.77 -0.19 8.60
C ALA A 22 2.47 0.84 9.69
N ALA A 23 1.37 1.53 9.59
CA ALA A 23 1.03 2.56 10.62
C ALA A 23 0.66 1.88 11.93
N TRP A 24 -0.23 0.91 11.88
CA TRP A 24 -0.63 0.20 13.11
C TRP A 24 0.55 -0.59 13.65
N LEU A 25 1.13 -1.39 12.82
CA LEU A 25 2.30 -2.21 13.22
C LEU A 25 3.39 -1.32 13.82
N LEU A 26 3.54 -0.12 13.32
CA LEU A 26 4.57 0.79 13.90
C LEU A 26 4.25 1.03 15.37
N GLY A 27 3.01 0.85 15.75
CA GLY A 27 2.63 1.05 17.17
C GLY A 27 3.28 -0.02 18.04
N ARG A 28 3.39 -1.23 17.52
CA ARG A 28 4.01 -2.32 18.32
C ARG A 28 5.50 -2.03 18.50
N ARG A 29 6.33 -2.87 17.93
CA ARG A 29 7.81 -2.73 18.06
C ARG A 29 8.20 -2.88 19.53
N ASN A 30 7.67 -3.90 20.17
CA ASN A 30 8.00 -4.16 21.61
C ASN A 30 7.97 -5.67 21.86
N LEU A 31 7.73 -6.44 20.83
CA LEU A 31 7.68 -7.92 20.99
C LEU A 31 9.12 -8.45 21.18
N ALA A 1 -7.41 12.41 -19.50
CA ALA A 1 -6.07 13.02 -19.27
C ALA A 1 -4.96 11.97 -19.51
N PRO A 2 -5.11 10.76 -18.98
CA PRO A 2 -4.07 9.72 -19.15
C PRO A 2 -3.99 9.34 -20.64
N GLY A 3 -3.47 8.18 -20.93
CA GLY A 3 -3.36 7.74 -22.36
C GLY A 3 -2.75 6.34 -22.42
N ALA A 4 -1.55 6.19 -21.92
CA ALA A 4 -0.90 4.85 -21.94
C ALA A 4 -1.67 3.90 -21.02
N LEU A 5 -1.45 2.62 -21.16
CA LEU A 5 -2.18 1.64 -20.29
C LEU A 5 -1.57 1.73 -18.86
N PRO A 6 -2.33 1.38 -17.83
CA PRO A 6 -1.79 1.44 -16.46
C PRO A 6 -0.54 0.54 -16.36
N THR A 7 0.36 0.85 -15.46
CA THR A 7 1.59 0.02 -15.32
C THR A 7 2.25 0.34 -13.96
N TYR A 8 1.48 0.68 -12.97
CA TYR A 8 2.06 1.00 -11.63
C TYR A 8 0.97 0.99 -10.55
N TRP A 9 -0.13 0.34 -10.82
CA TRP A 9 -1.25 0.28 -9.84
C TRP A 9 -0.96 -0.76 -8.73
N PRO A 10 -0.41 -1.92 -9.08
CA PRO A 10 -0.15 -2.96 -8.07
C PRO A 10 0.70 -2.43 -6.90
N TRP A 11 1.73 -1.66 -7.16
CA TRP A 11 2.55 -1.14 -6.03
C TRP A 11 1.73 -0.06 -5.29
N LEU A 12 0.93 0.67 -6.01
CA LEU A 12 0.11 1.76 -5.38
C LEU A 12 -0.99 1.15 -4.52
N CYS A 13 -1.77 0.25 -5.06
CA CYS A 13 -2.85 -0.39 -4.24
C CYS A 13 -2.21 -0.97 -2.99
N ALA A 14 -1.07 -1.60 -3.14
CA ALA A 14 -0.37 -2.17 -1.97
C ALA A 14 0.12 -1.02 -1.09
N ALA A 15 0.58 0.04 -1.68
CA ALA A 15 1.07 1.20 -0.89
C ALA A 15 -0.08 1.72 0.00
N ALA A 16 -1.29 1.56 -0.44
CA ALA A 16 -2.46 2.05 0.36
C ALA A 16 -2.63 1.19 1.62
N GLN A 17 -2.76 -0.10 1.45
CA GLN A 17 -2.95 -0.99 2.64
C GLN A 17 -1.65 -1.02 3.46
N VAL A 18 -0.54 -1.19 2.79
CA VAL A 18 0.77 -1.22 3.50
C VAL A 18 0.90 0.05 4.36
N ALA A 19 0.31 1.13 3.93
CA ALA A 19 0.37 2.40 4.72
C ALA A 19 -0.52 2.25 5.96
N ALA A 20 -1.62 1.57 5.84
CA ALA A 20 -2.53 1.41 7.01
C ALA A 20 -1.93 0.38 7.98
N LEU A 21 -1.57 -0.77 7.49
CA LEU A 21 -0.99 -1.81 8.38
C LEU A 21 0.32 -1.29 8.98
N ALA A 22 1.21 -0.79 8.17
CA ALA A 22 2.51 -0.28 8.70
C ALA A 22 2.24 0.77 9.80
N ALA A 23 1.22 1.56 9.64
CA ALA A 23 0.91 2.60 10.67
C ALA A 23 0.55 1.93 12.00
N TRP A 24 -0.36 1.00 11.97
CA TRP A 24 -0.76 0.30 13.22
C TRP A 24 0.43 -0.51 13.74
N LEU A 25 0.96 -1.35 12.90
CA LEU A 25 2.11 -2.21 13.28
C LEU A 25 3.25 -1.35 13.83
N LEU A 26 3.41 -0.16 13.32
CA LEU A 26 4.50 0.73 13.84
C LEU A 26 4.24 0.99 15.33
N GLY A 27 3.01 0.86 15.75
CA GLY A 27 2.68 1.09 17.18
C GLY A 27 3.12 -0.11 18.01
N ARG A 28 4.14 -0.81 17.57
CA ARG A 28 4.63 -2.01 18.32
C ARG A 28 6.16 -2.08 18.22
N ARG A 29 6.67 -3.09 17.57
CA ARG A 29 8.14 -3.25 17.42
C ARG A 29 8.75 -3.34 18.82
N ASN A 30 8.11 -4.04 19.72
CA ASN A 30 8.65 -4.19 21.10
C ASN A 30 8.25 -5.57 21.63
N LEU A 31 7.81 -6.44 20.77
CA LEU A 31 7.41 -7.81 21.21
C LEU A 31 8.66 -8.59 21.62
N ALA A 1 -7.01 13.40 -26.60
CA ALA A 1 -6.64 12.00 -26.98
C ALA A 1 -5.66 11.42 -25.94
N PRO A 2 -6.15 11.15 -24.74
CA PRO A 2 -5.29 10.59 -23.68
C PRO A 2 -4.77 9.21 -24.11
N GLY A 3 -5.62 8.21 -24.09
CA GLY A 3 -5.18 6.85 -24.50
C GLY A 3 -4.16 6.32 -23.49
N ALA A 4 -3.81 7.10 -22.51
CA ALA A 4 -2.83 6.65 -21.49
C ALA A 4 -3.44 5.53 -20.64
N LEU A 5 -4.65 5.74 -20.17
CA LEU A 5 -5.35 4.71 -19.32
C LEU A 5 -4.48 4.42 -18.07
N PRO A 6 -5.09 3.95 -16.98
CA PRO A 6 -4.32 3.64 -15.76
C PRO A 6 -3.26 2.57 -16.08
N THR A 7 -2.19 2.54 -15.33
CA THR A 7 -1.13 1.52 -15.58
C THR A 7 -0.12 1.54 -14.42
N TYR A 8 -0.59 1.75 -13.22
CA TYR A 8 0.32 1.77 -12.03
C TYR A 8 -0.52 1.63 -10.76
N TRP A 9 -1.61 0.91 -10.84
CA TRP A 9 -2.50 0.71 -9.65
C TRP A 9 -1.94 -0.37 -8.69
N PRO A 10 -1.46 -1.49 -9.21
CA PRO A 10 -0.96 -2.59 -8.34
C PRO A 10 0.04 -2.06 -7.30
N TRP A 11 0.97 -1.22 -7.67
CA TRP A 11 1.93 -0.71 -6.65
C TRP A 11 1.19 0.25 -5.71
N LEU A 12 0.24 0.99 -6.24
CA LEU A 12 -0.53 1.96 -5.40
C LEU A 12 -1.43 1.20 -4.42
N CYS A 13 -2.20 0.27 -4.90
CA CYS A 13 -3.09 -0.49 -3.98
C CYS A 13 -2.22 -1.09 -2.86
N ALA A 14 -1.08 -1.60 -3.21
CA ALA A 14 -0.16 -2.16 -2.19
C ALA A 14 0.34 -1.01 -1.31
N ALA A 15 0.66 0.11 -1.91
CA ALA A 15 1.15 1.26 -1.11
C ALA A 15 0.09 1.69 -0.10
N ALA A 16 -1.16 1.48 -0.42
CA ALA A 16 -2.25 1.87 0.51
C ALA A 16 -2.30 0.92 1.70
N GLN A 17 -2.41 -0.36 1.45
CA GLN A 17 -2.46 -1.33 2.58
C GLN A 17 -1.12 -1.33 3.31
N VAL A 18 -0.03 -1.35 2.59
CA VAL A 18 1.31 -1.33 3.24
C VAL A 18 1.38 -0.12 4.18
N ALA A 19 0.69 0.94 3.86
CA ALA A 19 0.70 2.14 4.74
C ALA A 19 -0.13 1.85 5.99
N ALA A 20 -1.19 1.10 5.85
CA ALA A 20 -2.06 0.78 7.03
C ALA A 20 -1.37 -0.27 7.91
N LEU A 21 -0.73 -1.24 7.31
CA LEU A 21 -0.04 -2.29 8.13
C LEU A 21 1.25 -1.70 8.71
N ALA A 22 1.99 -0.97 7.91
CA ALA A 22 3.25 -0.37 8.42
C ALA A 22 2.93 0.67 9.51
N ALA A 23 1.96 1.51 9.28
CA ALA A 23 1.61 2.54 10.31
C ALA A 23 1.14 1.85 11.59
N TRP A 24 0.17 0.98 11.49
CA TRP A 24 -0.33 0.27 12.68
C TRP A 24 0.83 -0.49 13.34
N LEU A 25 1.52 -1.25 12.55
CA LEU A 25 2.68 -2.03 13.05
C LEU A 25 3.65 -1.10 13.78
N LEU A 26 3.69 0.14 13.37
CA LEU A 26 4.61 1.11 14.02
C LEU A 26 4.16 1.27 15.49
N GLY A 27 2.92 1.00 15.77
CA GLY A 27 2.41 1.13 17.17
C GLY A 27 3.00 0.04 18.05
N ARG A 28 3.18 -1.14 17.52
CA ARG A 28 3.75 -2.25 18.34
C ARG A 28 5.15 -1.88 18.82
N ARG A 29 6.14 -2.55 18.30
CA ARG A 29 7.56 -2.30 18.70
C ARG A 29 7.71 -2.64 20.19
N ASN A 30 7.24 -3.80 20.59
CA ASN A 30 7.35 -4.24 22.02
C ASN A 30 7.51 -5.76 22.05
N LEU A 31 7.95 -6.34 20.96
CA LEU A 31 8.11 -7.82 20.91
C LEU A 31 9.34 -8.21 21.75
#